data_1DWQ
#
_entry.id   1DWQ
#
_cell.length_a   104.500
_cell.length_b   104.500
_cell.length_c   189.300
_cell.angle_alpha   90.00
_cell.angle_beta   90.00
_cell.angle_gamma   90.00
#
_symmetry.space_group_name_H-M   'P 41 21 2'
#
loop_
_entity.id
_entity.type
_entity.pdbx_description
1 polymer 'HYDROXYNITRILE LYASE'
2 non-polymer CHLOROACETONE
3 water water
#
_entity_poly.entity_id   1
_entity_poly.type   'polypeptide(L)'
_entity_poly.pdbx_seq_one_letter_code
;PISKMVTAHFVLIHTICHGAWIWHKLKPALERAGHKVTALDMAASGIDPRQIEQINSFDEYSEPLLTFLEKLPQGEKVII
VGES(CSA)AGLNIAIAADRYVDKIAAGVFHNSLLPDTVHSPSYTVEKLLESFPDWRDTEYFTFTNITGETITTMKLGFV
LLRENLFTKCTDGEYELAKMVMRKGSLFQNVLAQRPKFTEKGYGSIKKVYIWTDQDKIFLPDFQRWQIANYKPDKVYQVQ
GGDHKLQLTKTEEVAHILQEVADAYA
;
_entity_poly.pdbx_strand_id   A,B
#
# COMPACT_ATOMS: atom_id res chain seq x y z
N PRO A 1 44.20 -4.55 2.61
CA PRO A 1 45.44 -3.84 2.25
C PRO A 1 45.06 -2.37 2.22
N ILE A 2 43.96 -2.18 1.47
CA ILE A 2 43.14 -1.00 1.50
C ILE A 2 41.77 -1.62 1.25
N SER A 3 40.87 -1.38 2.21
CA SER A 3 39.46 -1.76 2.21
C SER A 3 38.59 -0.58 1.77
N LYS A 4 37.46 -0.77 1.11
CA LYS A 4 36.62 0.31 0.62
C LYS A 4 35.21 0.17 1.16
N MET A 5 34.45 1.21 1.48
CA MET A 5 33.02 1.07 1.84
C MET A 5 32.32 2.22 1.11
N VAL A 6 31.21 2.03 0.42
CA VAL A 6 30.65 3.05 -0.45
C VAL A 6 29.19 3.32 -0.08
N THR A 7 28.65 4.53 -0.17
CA THR A 7 27.20 4.67 0.01
C THR A 7 26.70 4.89 -1.42
N ALA A 8 25.46 4.51 -1.72
CA ALA A 8 25.04 4.47 -3.12
C ALA A 8 23.61 5.01 -3.23
N HIS A 9 23.09 5.18 -4.45
CA HIS A 9 21.71 5.56 -4.62
C HIS A 9 21.13 4.36 -5.34
N PHE A 10 20.21 3.69 -4.64
CA PHE A 10 19.54 2.52 -5.14
C PHE A 10 18.17 2.93 -5.61
N VAL A 11 17.74 2.48 -6.78
CA VAL A 11 16.39 2.72 -7.27
C VAL A 11 15.79 1.30 -7.23
N LEU A 12 14.74 1.11 -6.43
CA LEU A 12 14.11 -0.17 -6.18
C LEU A 12 12.91 -0.31 -7.08
N ILE A 13 12.80 -1.35 -7.91
CA ILE A 13 11.71 -1.53 -8.87
C ILE A 13 10.97 -2.84 -8.59
N HIS A 14 9.69 -2.64 -8.26
CA HIS A 14 8.73 -3.70 -7.97
C HIS A 14 8.35 -4.50 -9.18
N THR A 15 7.71 -5.66 -8.99
CA THR A 15 7.26 -6.45 -10.11
C THR A 15 5.82 -6.06 -10.52
N ILE A 16 5.28 -6.53 -11.64
CA ILE A 16 3.91 -6.19 -12.03
C ILE A 16 2.90 -6.53 -10.90
N CYS A 17 1.76 -5.82 -10.84
CA CYS A 17 0.71 -5.98 -9.85
C CYS A 17 1.01 -5.38 -8.48
N HIS A 18 2.31 -5.25 -8.20
CA HIS A 18 2.76 -4.77 -6.90
C HIS A 18 3.03 -3.28 -6.98
N GLY A 19 3.71 -2.65 -6.01
CA GLY A 19 4.07 -1.25 -6.08
C GLY A 19 5.30 -1.05 -5.20
N ALA A 20 5.62 0.24 -4.99
CA ALA A 20 6.82 0.65 -4.28
C ALA A 20 6.76 0.11 -2.88
N TRP A 21 5.52 -0.13 -2.39
CA TRP A 21 5.24 -0.66 -1.05
C TRP A 21 5.94 -1.97 -0.70
N ILE A 22 6.35 -2.92 -1.61
CA ILE A 22 6.98 -4.18 -1.09
C ILE A 22 8.34 -3.83 -0.57
N TRP A 23 8.85 -2.63 -0.90
CA TRP A 23 10.17 -2.21 -0.46
C TRP A 23 10.11 -1.44 0.83
N HIS A 24 8.98 -1.47 1.55
CA HIS A 24 8.86 -0.64 2.75
C HIS A 24 9.75 -1.11 3.85
N LYS A 25 10.29 -2.33 3.80
CA LYS A 25 11.21 -2.74 4.81
C LYS A 25 12.62 -2.60 4.30
N LEU A 26 12.92 -2.96 3.06
CA LEU A 26 14.28 -2.82 2.59
C LEU A 26 14.68 -1.34 2.48
N LYS A 27 13.80 -0.41 2.05
CA LYS A 27 14.17 1.00 1.93
C LYS A 27 14.71 1.59 3.24
N PRO A 28 14.06 1.53 4.42
CA PRO A 28 14.67 1.97 5.65
C PRO A 28 15.92 1.22 6.06
N ALA A 29 16.07 -0.08 5.74
CA ALA A 29 17.27 -0.82 6.12
C ALA A 29 18.46 -0.24 5.40
N LEU A 30 18.27 0.11 4.14
CA LEU A 30 19.33 0.66 3.31
C LEU A 30 19.68 2.04 3.71
N GLU A 31 18.66 2.75 4.12
CA GLU A 31 18.86 4.09 4.63
C GLU A 31 19.54 4.02 5.98
N ARG A 32 19.37 3.03 6.84
CA ARG A 32 20.11 2.99 8.08
C ARG A 32 21.61 2.92 7.80
N ALA A 33 21.93 2.32 6.66
CA ALA A 33 23.29 2.23 6.20
C ALA A 33 23.77 3.54 5.57
N GLY A 34 22.98 4.59 5.38
CA GLY A 34 23.46 5.85 4.81
C GLY A 34 23.25 5.99 3.32
N HIS A 35 22.60 4.98 2.70
CA HIS A 35 22.40 4.99 1.26
C HIS A 35 21.23 5.89 0.92
N LYS A 36 21.17 6.41 -0.29
CA LYS A 36 20.03 7.17 -0.76
C LYS A 36 19.11 6.15 -1.43
N VAL A 37 17.82 6.00 -1.07
CA VAL A 37 16.94 5.05 -1.73
C VAL A 37 15.77 5.72 -2.42
N THR A 38 15.45 5.29 -3.64
CA THR A 38 14.28 5.76 -4.38
C THR A 38 13.42 4.54 -4.69
N ALA A 39 12.16 4.42 -4.27
CA ALA A 39 11.31 3.29 -4.60
C ALA A 39 10.17 3.87 -5.41
N LEU A 40 10.18 3.55 -6.70
CA LEU A 40 9.23 4.04 -7.67
C LEU A 40 8.01 3.15 -7.92
N ASP A 41 6.82 3.72 -8.18
CA ASP A 41 5.67 2.93 -8.59
C ASP A 41 5.72 2.99 -10.10
N MET A 42 5.49 1.88 -10.81
CA MET A 42 5.61 1.88 -12.25
C MET A 42 4.20 2.15 -12.72
N ALA A 43 3.92 2.29 -14.03
CA ALA A 43 2.59 2.69 -14.46
C ALA A 43 1.57 1.70 -13.94
N ALA A 44 0.40 2.22 -13.61
CA ALA A 44 -0.71 1.43 -13.08
C ALA A 44 -0.41 0.51 -11.88
N SER A 45 0.69 0.72 -11.13
CA SER A 45 1.04 -0.11 -10.00
C SER A 45 1.04 0.71 -8.71
N GLY A 46 0.94 0.14 -7.51
CA GLY A 46 0.94 0.86 -6.25
C GLY A 46 -0.10 1.97 -6.28
N ILE A 47 0.23 3.23 -6.06
CA ILE A 47 -0.77 4.28 -6.15
C ILE A 47 -0.62 5.15 -7.38
N ASP A 48 -0.09 4.56 -8.46
CA ASP A 48 0.07 5.32 -9.67
C ASP A 48 -1.32 5.45 -10.22
N PRO A 49 -1.76 6.62 -10.70
CA PRO A 49 -3.15 6.87 -11.01
C PRO A 49 -3.69 6.24 -12.28
N ARG A 50 -2.78 5.65 -13.07
CA ARG A 50 -3.13 5.12 -14.41
C ARG A 50 -3.71 3.76 -14.23
N GLN A 51 -4.58 3.31 -15.11
CA GLN A 51 -5.09 1.97 -14.97
C GLN A 51 -4.39 1.13 -16.01
N ILE A 52 -4.26 -0.16 -15.87
CA ILE A 52 -3.47 -0.96 -16.79
C ILE A 52 -3.97 -0.97 -18.22
N GLU A 53 -5.25 -0.70 -18.41
CA GLU A 53 -5.82 -0.72 -19.75
C GLU A 53 -5.43 0.42 -20.66
N GLN A 54 -4.80 1.43 -20.06
CA GLN A 54 -4.23 2.55 -20.79
C GLN A 54 -2.74 2.34 -21.05
N ILE A 55 -2.11 1.27 -20.60
CA ILE A 55 -0.69 1.07 -20.78
C ILE A 55 -0.59 0.16 -22.01
N ASN A 56 0.31 0.42 -22.95
CA ASN A 56 0.30 -0.44 -24.10
C ASN A 56 1.52 -1.28 -24.27
N SER A 57 2.52 -1.23 -23.43
CA SER A 57 3.66 -2.07 -23.63
C SER A 57 4.38 -2.02 -22.29
N PHE A 58 5.33 -2.90 -22.13
CA PHE A 58 6.16 -2.96 -20.93
C PHE A 58 7.04 -1.74 -20.90
N ASP A 59 7.36 -1.21 -22.06
CA ASP A 59 8.08 0.05 -22.13
C ASP A 59 7.29 1.23 -21.59
N GLU A 60 6.04 1.37 -21.98
CA GLU A 60 5.14 2.36 -21.35
C GLU A 60 5.00 2.12 -19.87
N TYR A 61 4.89 0.88 -19.44
CA TYR A 61 4.83 0.53 -18.04
C TYR A 61 6.06 1.04 -17.26
N SER A 62 7.26 1.00 -17.88
CA SER A 62 8.49 1.42 -17.23
C SER A 62 8.67 2.93 -17.20
N GLU A 63 7.79 3.74 -17.76
CA GLU A 63 7.95 5.18 -17.80
C GLU A 63 8.35 5.78 -16.47
N PRO A 64 7.82 5.54 -15.28
CA PRO A 64 8.30 6.22 -14.10
C PRO A 64 9.78 6.07 -13.90
N LEU A 65 10.36 4.92 -14.25
CA LEU A 65 11.80 4.70 -14.09
C LEU A 65 12.57 5.53 -15.11
N LEU A 66 12.16 5.55 -16.37
CA LEU A 66 12.90 6.23 -17.40
C LEU A 66 12.82 7.72 -17.16
N THR A 67 11.68 8.33 -16.79
CA THR A 67 11.55 9.73 -16.40
C THR A 67 12.49 10.06 -15.24
N PHE A 68 12.53 9.24 -14.19
CA PHE A 68 13.43 9.43 -13.08
C PHE A 68 14.85 9.34 -13.60
N LEU A 69 15.27 8.36 -14.41
CA LEU A 69 16.64 8.32 -14.91
C LEU A 69 16.90 9.51 -15.81
N GLU A 70 15.92 9.95 -16.52
CA GLU A 70 16.01 11.13 -17.30
C GLU A 70 16.32 12.30 -16.40
N LYS A 71 15.65 12.42 -15.28
CA LYS A 71 15.87 13.53 -14.39
C LYS A 71 17.18 13.53 -13.62
N LEU A 72 17.96 12.42 -13.56
CA LEU A 72 19.16 12.39 -12.73
C LEU A 72 20.24 13.43 -13.09
N PRO A 73 20.80 14.09 -12.05
CA PRO A 73 21.91 15.01 -12.17
C PRO A 73 23.04 14.40 -12.90
N GLN A 74 23.65 15.29 -13.63
CA GLN A 74 24.79 14.92 -14.44
C GLN A 74 25.83 14.27 -13.57
N GLY A 75 26.23 13.13 -14.10
CA GLY A 75 27.31 12.41 -13.46
C GLY A 75 26.82 11.65 -12.24
N GLU A 76 25.51 11.58 -12.00
CA GLU A 76 25.01 10.81 -10.92
C GLU A 76 24.60 9.50 -11.62
N LYS A 77 24.92 8.38 -10.96
CA LYS A 77 24.60 7.01 -11.37
C LYS A 77 23.89 6.29 -10.23
N VAL A 78 23.05 5.29 -10.55
CA VAL A 78 22.28 4.55 -9.56
C VAL A 78 22.44 3.04 -9.70
N ILE A 79 22.10 2.28 -8.66
CA ILE A 79 22.04 0.82 -8.71
C ILE A 79 20.52 0.51 -8.74
N ILE A 80 20.01 -0.13 -9.77
CA ILE A 80 18.58 -0.44 -9.92
C ILE A 80 18.39 -1.85 -9.41
N VAL A 81 17.55 -2.12 -8.42
CA VAL A 81 17.33 -3.41 -7.85
C VAL A 81 15.94 -3.70 -8.38
N GLY A 82 15.72 -4.83 -9.04
CA GLY A 82 14.41 -5.19 -9.60
C GLY A 82 14.01 -6.57 -9.12
N GLU A 83 12.79 -6.74 -8.62
CA GLU A 83 12.34 -8.05 -8.19
C GLU A 83 11.47 -8.64 -9.28
N SER A 84 11.40 -9.98 -9.34
CA SER A 84 10.59 -10.76 -10.27
C SER A 84 10.55 -10.26 -11.71
N ALA A 86 10.78 -7.25 -12.75
CA ALA A 86 11.44 -5.99 -13.01
C ALA A 86 12.78 -6.10 -13.69
N GLY A 87 13.35 -7.29 -13.92
CA GLY A 87 14.58 -7.44 -14.69
C GLY A 87 14.36 -6.88 -16.07
N LEU A 88 13.12 -6.94 -16.61
CA LEU A 88 12.74 -6.34 -17.90
C LEU A 88 12.76 -4.80 -17.88
N ASN A 89 12.40 -4.20 -16.75
CA ASN A 89 12.50 -2.79 -16.50
C ASN A 89 13.95 -2.33 -16.47
N ILE A 90 14.86 -3.07 -15.83
CA ILE A 90 16.30 -2.76 -15.83
C ILE A 90 16.80 -2.87 -17.27
N ALA A 91 16.54 -3.92 -18.02
CA ALA A 91 16.91 -3.99 -19.42
C ALA A 91 16.37 -2.84 -20.26
N ILE A 92 15.09 -2.46 -20.14
CA ILE A 92 14.55 -1.34 -20.90
C ILE A 92 15.27 -0.03 -20.52
N ALA A 93 15.54 0.18 -19.22
CA ALA A 93 16.23 1.36 -18.74
C ALA A 93 17.68 1.44 -19.18
N ALA A 94 18.49 0.38 -19.09
CA ALA A 94 19.89 0.38 -19.50
C ALA A 94 20.09 0.65 -21.01
N ASP A 95 19.22 0.20 -21.91
CA ASP A 95 19.30 0.60 -23.32
C ASP A 95 18.93 2.05 -23.56
N ARG A 96 18.73 2.85 -22.53
CA ARG A 96 18.40 4.24 -22.71
C ARG A 96 19.37 5.02 -21.82
N TYR A 97 19.67 4.54 -20.62
CA TYR A 97 20.46 5.31 -19.68
C TYR A 97 21.62 4.50 -19.18
N VAL A 98 22.30 3.72 -20.03
CA VAL A 98 23.45 2.94 -19.60
C VAL A 98 24.43 3.79 -18.77
N ASP A 99 24.55 5.02 -19.25
CA ASP A 99 25.28 6.15 -18.69
C ASP A 99 25.11 6.39 -17.17
N LYS A 100 23.87 6.18 -16.71
CA LYS A 100 23.44 6.42 -15.35
C LYS A 100 23.37 5.21 -14.46
N ILE A 101 23.67 4.01 -14.95
CA ILE A 101 23.46 2.80 -14.19
C ILE A 101 24.80 2.17 -13.86
N ALA A 102 25.07 2.22 -12.56
CA ALA A 102 26.29 1.65 -12.04
C ALA A 102 26.25 0.13 -12.08
N ALA A 103 25.10 -0.49 -11.75
CA ALA A 103 24.91 -1.95 -11.77
C ALA A 103 23.41 -2.23 -11.78
N GLY A 104 22.94 -3.35 -12.32
CA GLY A 104 21.55 -3.77 -12.24
C GLY A 104 21.58 -4.96 -11.30
N VAL A 105 20.75 -5.03 -10.26
CA VAL A 105 20.73 -6.15 -9.32
C VAL A 105 19.41 -6.88 -9.53
N PHE A 106 19.39 -8.19 -9.80
CA PHE A 106 18.18 -8.91 -10.12
C PHE A 106 17.93 -9.70 -8.87
N HIS A 107 16.74 -9.52 -8.34
CA HIS A 107 16.37 -10.01 -7.02
C HIS A 107 15.26 -11.01 -7.24
N ASN A 108 15.55 -12.30 -7.35
CA ASN A 108 14.54 -13.33 -7.67
C ASN A 108 13.80 -12.89 -8.94
N SER A 109 14.61 -12.41 -9.90
CA SER A 109 14.13 -11.76 -11.09
C SER A 109 14.46 -12.44 -12.39
N LEU A 110 13.67 -12.06 -13.37
CA LEU A 110 13.87 -12.38 -14.76
C LEU A 110 15.23 -11.82 -15.07
N LEU A 111 16.15 -12.51 -15.79
CA LEU A 111 17.46 -11.95 -16.14
C LEU A 111 17.44 -11.93 -17.66
N PRO A 112 17.01 -10.86 -18.36
CA PRO A 112 16.93 -10.82 -19.81
C PRO A 112 18.30 -10.99 -20.42
N ASP A 113 18.36 -11.34 -21.70
CA ASP A 113 19.65 -11.38 -22.36
C ASP A 113 19.52 -10.55 -23.64
N THR A 114 20.61 -10.53 -24.40
CA THR A 114 20.67 -9.75 -25.64
C THR A 114 20.53 -10.63 -26.89
N VAL A 115 20.84 -11.88 -26.61
CA VAL A 115 20.83 -12.95 -27.58
C VAL A 115 19.42 -13.35 -27.98
N HIS A 116 18.44 -13.31 -27.09
CA HIS A 116 17.16 -13.80 -27.49
C HIS A 116 16.17 -12.67 -27.40
N SER A 117 14.92 -12.93 -27.80
CA SER A 117 13.84 -11.94 -27.73
C SER A 117 13.66 -11.44 -26.31
N PRO A 118 13.07 -10.24 -26.11
CA PRO A 118 12.76 -9.72 -24.79
C PRO A 118 11.83 -10.65 -24.00
N SER A 119 10.91 -11.37 -24.64
CA SER A 119 9.96 -12.27 -23.97
C SER A 119 10.52 -13.62 -23.57
N TYR A 120 11.72 -13.93 -24.03
CA TYR A 120 12.33 -15.21 -23.86
C TYR A 120 12.30 -15.77 -22.43
N THR A 121 12.84 -15.04 -21.43
CA THR A 121 12.83 -15.55 -20.06
C THR A 121 11.41 -15.61 -19.46
N VAL A 122 10.47 -14.82 -19.97
CA VAL A 122 9.07 -14.87 -19.58
C VAL A 122 8.55 -16.24 -20.02
N GLU A 123 8.81 -16.61 -21.29
CA GLU A 123 8.43 -17.91 -21.86
C GLU A 123 8.99 -19.06 -21.08
N LYS A 124 10.25 -18.94 -20.71
CA LYS A 124 10.87 -19.99 -19.92
C LYS A 124 10.34 -20.04 -18.49
N LEU A 125 9.97 -18.90 -17.88
CA LEU A 125 9.43 -18.95 -16.55
C LEU A 125 8.10 -19.66 -16.72
N LEU A 126 7.25 -19.35 -17.70
CA LEU A 126 5.97 -19.98 -17.80
C LEU A 126 6.06 -21.46 -18.10
N GLU A 127 7.09 -21.91 -18.80
CA GLU A 127 7.34 -23.32 -18.99
C GLU A 127 7.59 -23.96 -17.66
N SER A 128 8.47 -23.30 -16.89
CA SER A 128 8.78 -23.74 -15.54
C SER A 128 7.60 -23.60 -14.58
N PHE A 129 6.80 -22.53 -14.52
CA PHE A 129 5.75 -22.39 -13.55
C PHE A 129 4.56 -22.05 -14.38
N PRO A 130 3.84 -23.03 -14.91
CA PRO A 130 2.72 -22.80 -15.82
C PRO A 130 1.37 -22.65 -15.14
N ASP A 131 1.21 -23.02 -13.87
CA ASP A 131 -0.10 -22.92 -13.29
C ASP A 131 -0.06 -21.89 -12.18
N TRP A 132 -0.79 -20.77 -12.40
CA TRP A 132 -0.81 -19.67 -11.45
C TRP A 132 -2.01 -19.70 -10.51
N ARG A 133 -2.51 -20.94 -10.39
CA ARG A 133 -3.49 -21.39 -9.41
C ARG A 133 -4.77 -20.63 -9.53
N ASP A 134 -5.03 -19.70 -8.63
CA ASP A 134 -6.26 -18.95 -8.66
C ASP A 134 -6.16 -17.56 -9.29
N THR A 135 -5.13 -17.34 -10.12
CA THR A 135 -4.98 -16.09 -10.84
C THR A 135 -6.07 -16.04 -11.91
N GLU A 136 -6.70 -14.87 -12.06
CA GLU A 136 -7.75 -14.60 -13.01
C GLU A 136 -7.12 -13.81 -14.09
N TYR A 137 -7.60 -13.96 -15.31
CA TYR A 137 -6.98 -13.32 -16.47
C TYR A 137 -7.98 -12.50 -17.20
N PHE A 138 -7.55 -11.46 -17.91
CA PHE A 138 -8.49 -10.61 -18.63
C PHE A 138 -7.77 -10.05 -19.83
N THR A 139 -8.42 -9.41 -20.77
CA THR A 139 -7.70 -8.86 -21.89
C THR A 139 -8.24 -7.49 -22.25
N PHE A 140 -7.44 -6.66 -22.89
CA PHE A 140 -7.96 -5.45 -23.47
C PHE A 140 -7.26 -5.30 -24.81
N THR A 141 -7.68 -4.45 -25.74
CA THR A 141 -7.00 -4.28 -26.99
C THR A 141 -6.21 -3.01 -26.85
N ASN A 142 -4.91 -2.99 -27.19
CA ASN A 142 -4.08 -1.79 -27.03
C ASN A 142 -4.15 -0.85 -28.19
N ILE A 143 -3.32 0.18 -28.13
CA ILE A 143 -3.35 1.27 -29.09
C ILE A 143 -3.15 0.95 -30.57
N THR A 144 -2.48 -0.17 -30.85
CA THR A 144 -2.24 -0.61 -32.20
C THR A 144 -3.00 -1.90 -32.46
N GLY A 145 -3.92 -2.30 -31.59
CA GLY A 145 -4.69 -3.49 -31.84
C GLY A 145 -4.19 -4.79 -31.21
N GLU A 146 -3.10 -4.83 -30.42
CA GLU A 146 -2.69 -6.07 -29.77
C GLU A 146 -3.60 -6.49 -28.64
N THR A 147 -3.89 -7.75 -28.39
CA THR A 147 -4.66 -8.06 -27.22
C THR A 147 -3.62 -8.40 -26.18
N ILE A 148 -3.89 -7.69 -25.09
CA ILE A 148 -3.01 -7.70 -23.96
C ILE A 148 -3.74 -8.48 -22.92
N THR A 149 -3.01 -9.35 -22.26
CA THR A 149 -3.58 -10.17 -21.22
C THR A 149 -3.19 -9.52 -19.90
N THR A 150 -4.14 -9.33 -18.97
CA THR A 150 -3.84 -8.82 -17.64
C THR A 150 -4.25 -9.89 -16.64
N MET A 151 -3.81 -9.73 -15.42
CA MET A 151 -4.14 -10.70 -14.40
C MET A 151 -4.30 -10.08 -13.02
N LYS A 152 -5.17 -10.72 -12.28
CA LYS A 152 -5.24 -10.45 -10.88
C LYS A 152 -4.76 -11.72 -10.19
N LEU A 153 -3.58 -11.65 -9.61
CA LEU A 153 -2.94 -12.71 -8.85
C LEU A 153 -3.87 -13.24 -7.78
N GLY A 154 -4.01 -14.57 -7.74
CA GLY A 154 -4.89 -15.16 -6.77
C GLY A 154 -4.30 -15.11 -5.36
N PHE A 155 -5.14 -15.12 -4.34
CA PHE A 155 -4.64 -14.97 -2.99
C PHE A 155 -3.99 -16.23 -2.49
N VAL A 156 -4.26 -17.42 -2.99
CA VAL A 156 -3.54 -18.62 -2.56
C VAL A 156 -2.19 -18.56 -3.20
N LEU A 157 -2.13 -18.20 -4.48
CA LEU A 157 -0.86 -18.11 -5.15
C LEU A 157 -0.04 -17.09 -4.39
N LEU A 158 -0.64 -16.01 -3.88
CA LEU A 158 0.05 -14.97 -3.12
C LEU A 158 0.59 -15.53 -1.86
N ARG A 159 -0.31 -16.19 -1.13
CA ARG A 159 0.01 -16.84 0.12
C ARG A 159 1.12 -17.84 0.04
N GLU A 160 0.98 -18.77 -0.89
CA GLU A 160 1.83 -19.93 -0.90
C GLU A 160 3.05 -19.88 -1.79
N ASN A 161 2.96 -19.15 -2.90
CA ASN A 161 4.06 -19.12 -3.85
C ASN A 161 4.97 -17.91 -3.79
N LEU A 162 4.34 -16.70 -3.66
CA LEU A 162 5.07 -15.45 -3.59
C LEU A 162 5.41 -15.05 -2.17
N PHE A 163 4.45 -15.16 -1.25
CA PHE A 163 4.65 -14.73 0.11
C PHE A 163 4.75 -15.87 1.10
N THR A 164 5.28 -17.01 0.69
CA THR A 164 5.34 -18.24 1.46
C THR A 164 5.63 -18.21 2.94
N LYS A 165 6.63 -17.42 3.26
CA LYS A 165 7.17 -17.35 4.58
C LYS A 165 7.03 -15.95 5.14
N CYS A 166 6.25 -15.09 4.51
CA CYS A 166 6.11 -13.74 5.04
C CYS A 166 5.12 -13.73 6.19
N THR A 167 5.28 -12.69 7.00
CA THR A 167 4.39 -12.36 8.10
C THR A 167 2.94 -12.27 7.66
N ASP A 168 2.00 -12.58 8.55
CA ASP A 168 0.60 -12.37 8.26
C ASP A 168 0.26 -10.95 7.93
N GLY A 169 0.92 -10.01 8.59
CA GLY A 169 0.73 -8.57 8.37
C GLY A 169 1.23 -8.16 7.00
N GLU A 170 2.26 -8.88 6.52
CA GLU A 170 2.79 -8.61 5.20
C GLU A 170 1.91 -9.21 4.16
N TYR A 171 1.48 -10.44 4.37
CA TYR A 171 0.58 -11.06 3.42
C TYR A 171 -0.73 -10.28 3.37
N GLU A 172 -1.28 -9.87 4.49
CA GLU A 172 -2.50 -9.10 4.49
C GLU A 172 -2.33 -7.78 3.78
N LEU A 173 -1.17 -7.12 3.98
CA LEU A 173 -0.90 -5.88 3.30
C LEU A 173 -0.94 -6.11 1.80
N ALA A 174 -0.34 -7.19 1.31
CA ALA A 174 -0.29 -7.48 -0.11
C ALA A 174 -1.69 -7.53 -0.74
N LYS A 175 -2.59 -8.21 -0.01
CA LYS A 175 -3.96 -8.35 -0.44
C LYS A 175 -4.67 -7.00 -0.45
N MET A 176 -4.30 -6.09 0.46
CA MET A 176 -4.89 -4.76 0.52
C MET A 176 -4.49 -3.77 -0.56
N VAL A 177 -3.31 -3.92 -1.17
CA VAL A 177 -2.82 -3.02 -2.22
C VAL A 177 -2.44 -3.62 -3.56
N MET A 178 -2.58 -4.92 -3.75
CA MET A 178 -2.22 -5.59 -4.99
C MET A 178 -3.09 -5.12 -6.14
N ARG A 179 -2.64 -5.00 -7.39
CA ARG A 179 -3.47 -4.50 -8.49
C ARG A 179 -3.27 -5.42 -9.70
N LYS A 180 -4.03 -5.28 -10.76
CA LYS A 180 -3.78 -5.98 -11.99
C LYS A 180 -2.42 -5.68 -12.58
N GLY A 181 -1.95 -6.61 -13.38
CA GLY A 181 -0.68 -6.41 -14.04
C GLY A 181 -0.68 -7.08 -15.38
N SER A 182 0.40 -6.88 -16.14
CA SER A 182 0.57 -7.50 -17.43
C SER A 182 2.04 -7.59 -17.69
N LEU A 183 2.24 -8.76 -18.22
CA LEU A 183 3.52 -9.20 -18.72
C LEU A 183 3.68 -8.58 -20.08
N PHE A 184 2.60 -8.18 -20.80
CA PHE A 184 2.75 -7.66 -22.16
C PHE A 184 3.60 -8.59 -23.05
N GLN A 185 3.46 -9.90 -22.81
CA GLN A 185 4.36 -10.87 -23.40
C GLN A 185 4.30 -10.84 -24.89
N ASN A 186 3.14 -10.70 -25.50
CA ASN A 186 3.12 -10.66 -26.95
C ASN A 186 3.77 -9.42 -27.57
N VAL A 187 3.71 -8.32 -26.85
CA VAL A 187 4.33 -7.09 -27.33
C VAL A 187 5.81 -7.26 -27.02
N LEU A 188 6.29 -7.88 -25.92
CA LEU A 188 7.72 -8.05 -25.75
C LEU A 188 8.33 -8.93 -26.85
N ALA A 189 7.54 -9.92 -27.31
CA ALA A 189 7.99 -10.83 -28.36
C ALA A 189 8.20 -10.09 -29.68
N GLN A 190 7.46 -9.01 -29.98
CA GLN A 190 7.69 -8.24 -31.20
C GLN A 190 8.78 -7.17 -30.94
N ARG A 191 9.25 -7.00 -29.72
CA ARG A 191 10.18 -5.96 -29.38
C ARG A 191 11.58 -6.28 -29.82
N PRO A 192 12.33 -5.29 -30.26
CA PRO A 192 13.77 -5.38 -30.46
C PRO A 192 14.45 -5.93 -29.25
N LYS A 193 15.52 -6.65 -29.51
CA LYS A 193 16.25 -7.30 -28.46
C LYS A 193 17.03 -6.23 -27.73
N PHE A 194 17.33 -6.51 -26.49
CA PHE A 194 18.02 -5.56 -25.69
C PHE A 194 19.40 -5.40 -26.30
N THR A 195 20.06 -4.25 -26.28
CA THR A 195 21.35 -4.09 -26.95
C THR A 195 22.57 -4.44 -26.12
N GLU A 196 23.70 -4.74 -26.75
CA GLU A 196 24.86 -5.09 -25.97
C GLU A 196 25.54 -3.88 -25.39
N LYS A 197 25.31 -2.80 -26.09
CA LYS A 197 25.94 -1.57 -25.72
C LYS A 197 25.33 -0.96 -24.46
N GLY A 198 24.01 -1.13 -24.31
CA GLY A 198 23.35 -0.59 -23.16
C GLY A 198 23.29 -1.66 -22.13
N TYR A 199 22.23 -2.44 -22.31
CA TYR A 199 21.92 -3.46 -21.36
C TYR A 199 23.05 -4.42 -21.29
N GLY A 200 23.56 -4.87 -22.43
CA GLY A 200 24.63 -5.84 -22.43
C GLY A 200 25.83 -5.37 -21.62
N SER A 201 26.13 -4.06 -21.49
CA SER A 201 27.28 -3.63 -20.73
C SER A 201 27.12 -3.36 -19.25
N ILE A 202 25.90 -3.37 -18.70
CA ILE A 202 25.65 -3.06 -17.29
C ILE A 202 26.20 -4.12 -16.36
N LYS A 203 26.78 -3.78 -15.22
CA LYS A 203 27.19 -4.81 -14.26
C LYS A 203 25.93 -5.52 -13.79
N LYS A 204 25.93 -6.80 -13.44
CA LYS A 204 24.70 -7.50 -13.17
C LYS A 204 24.95 -8.43 -12.00
N VAL A 205 24.17 -8.27 -10.93
CA VAL A 205 24.31 -9.07 -9.71
C VAL A 205 23.03 -9.87 -9.50
N TYR A 206 23.08 -11.22 -9.34
CA TYR A 206 21.91 -12.05 -9.22
C TYR A 206 21.73 -12.53 -7.80
N ILE A 207 20.66 -12.09 -7.11
CA ILE A 207 20.35 -12.53 -5.74
C ILE A 207 19.18 -13.46 -5.89
N TRP A 208 19.16 -14.58 -5.20
CA TRP A 208 18.05 -15.50 -5.33
C TRP A 208 18.10 -16.41 -4.12
N THR A 209 17.07 -17.23 -3.93
CA THR A 209 16.99 -18.25 -2.90
C THR A 209 16.42 -19.44 -3.63
N ASP A 210 16.87 -20.62 -3.22
CA ASP A 210 16.34 -21.86 -3.77
C ASP A 210 15.07 -22.20 -3.02
N GLN A 211 14.65 -21.38 -2.03
CA GLN A 211 13.37 -21.59 -1.38
C GLN A 211 12.27 -20.85 -2.06
N ASP A 212 12.52 -20.19 -3.18
CA ASP A 212 11.50 -19.44 -3.87
C ASP A 212 10.44 -20.38 -4.44
N LYS A 213 9.14 -20.20 -4.12
CA LYS A 213 8.16 -21.11 -4.66
C LYS A 213 7.45 -20.71 -5.90
N ILE A 214 7.96 -19.72 -6.64
CA ILE A 214 7.36 -19.38 -7.94
C ILE A 214 8.49 -19.25 -8.95
N PHE A 215 9.62 -18.62 -8.66
CA PHE A 215 10.77 -18.63 -9.56
C PHE A 215 11.64 -19.73 -8.94
N LEU A 216 11.29 -20.92 -9.40
CA LEU A 216 11.86 -22.18 -8.92
C LEU A 216 13.35 -22.42 -9.25
N PRO A 217 14.10 -23.21 -8.47
CA PRO A 217 15.54 -23.35 -8.57
C PRO A 217 15.99 -23.75 -9.92
N ASP A 218 15.20 -24.57 -10.60
CA ASP A 218 15.66 -24.94 -11.91
C ASP A 218 15.42 -23.88 -12.97
N PHE A 219 14.52 -22.92 -12.76
CA PHE A 219 14.43 -21.77 -13.64
C PHE A 219 15.55 -20.78 -13.28
N GLN A 220 15.79 -20.57 -11.99
CA GLN A 220 16.77 -19.59 -11.60
C GLN A 220 18.12 -20.01 -12.14
N ARG A 221 18.51 -21.24 -11.88
CA ARG A 221 19.80 -21.72 -12.29
C ARG A 221 19.93 -21.66 -13.80
N TRP A 222 18.87 -22.01 -14.52
CA TRP A 222 18.87 -21.93 -15.96
C TRP A 222 19.19 -20.49 -16.31
N GLN A 223 18.56 -19.49 -15.70
CA GLN A 223 18.85 -18.11 -16.05
C GLN A 223 20.29 -17.72 -15.87
N ILE A 224 20.90 -18.13 -14.79
CA ILE A 224 22.29 -17.84 -14.52
C ILE A 224 23.19 -18.49 -15.55
N ALA A 225 22.85 -19.72 -15.90
CA ALA A 225 23.57 -20.46 -16.92
C ALA A 225 23.36 -19.80 -18.26
N ASN A 226 22.13 -19.35 -18.58
CA ASN A 226 21.89 -18.74 -19.87
C ASN A 226 22.59 -17.39 -20.04
N TYR A 227 22.80 -16.60 -18.99
CA TYR A 227 23.39 -15.27 -19.12
C TYR A 227 24.16 -14.96 -17.84
N LYS A 228 25.42 -15.43 -17.78
CA LYS A 228 26.28 -15.30 -16.62
C LYS A 228 26.28 -13.90 -16.03
N PRO A 229 25.78 -13.78 -14.78
CA PRO A 229 25.83 -12.53 -14.05
C PRO A 229 27.24 -12.29 -13.60
N ASP A 230 27.51 -11.04 -13.27
CA ASP A 230 28.82 -10.69 -12.83
C ASP A 230 29.02 -11.20 -11.44
N LYS A 231 27.95 -11.36 -10.63
CA LYS A 231 28.07 -11.86 -9.27
C LYS A 231 26.76 -12.59 -8.97
N VAL A 232 26.78 -13.69 -8.19
CA VAL A 232 25.58 -14.41 -7.82
C VAL A 232 25.60 -14.46 -6.31
N TYR A 233 24.51 -14.21 -5.58
CA TYR A 233 24.43 -14.27 -4.14
C TYR A 233 23.21 -15.11 -3.85
N GLN A 234 23.36 -16.26 -3.20
CA GLN A 234 22.20 -17.08 -2.93
C GLN A 234 21.88 -16.86 -1.47
N VAL A 235 20.64 -16.61 -1.07
CA VAL A 235 20.31 -16.34 0.30
C VAL A 235 19.69 -17.62 0.77
N GLN A 236 20.18 -18.13 1.88
CA GLN A 236 19.62 -19.32 2.42
C GLN A 236 18.29 -18.94 3.04
N GLY A 237 17.28 -19.75 2.72
CA GLY A 237 15.95 -19.65 3.32
C GLY A 237 15.08 -18.59 2.68
N GLY A 238 14.19 -18.01 3.49
CA GLY A 238 13.31 -16.98 3.00
C GLY A 238 12.30 -17.52 1.98
N ASP A 239 11.81 -16.69 1.05
CA ASP A 239 10.82 -17.09 0.07
C ASP A 239 11.08 -16.12 -1.08
N HIS A 240 10.15 -16.00 -2.05
CA HIS A 240 10.28 -15.12 -3.21
C HIS A 240 10.50 -13.68 -2.80
N LYS A 241 9.79 -13.21 -1.77
CA LYS A 241 9.93 -11.84 -1.33
C LYS A 241 11.02 -11.76 -0.28
N LEU A 242 12.26 -11.87 -0.78
CA LEU A 242 13.42 -11.77 0.11
C LEU A 242 13.56 -10.37 0.72
N GLN A 243 12.95 -9.32 0.16
CA GLN A 243 13.10 -7.99 0.74
C GLN A 243 12.19 -7.86 1.95
N LEU A 244 11.31 -8.85 2.14
CA LEU A 244 10.50 -8.91 3.33
C LEU A 244 11.01 -10.03 4.21
N THR A 245 11.34 -11.22 3.66
CA THR A 245 11.78 -12.31 4.53
C THR A 245 13.24 -12.30 4.88
N LYS A 246 14.13 -11.67 4.10
CA LYS A 246 15.56 -11.57 4.40
C LYS A 246 16.01 -10.10 4.30
N THR A 247 15.25 -9.12 4.82
CA THR A 247 15.54 -7.71 4.60
C THR A 247 16.95 -7.35 4.99
N GLU A 248 17.51 -7.80 6.11
CA GLU A 248 18.83 -7.31 6.43
C GLU A 248 19.91 -7.91 5.56
N GLU A 249 19.69 -9.16 5.17
CA GLU A 249 20.63 -9.93 4.41
C GLU A 249 20.76 -9.32 3.03
N VAL A 250 19.60 -9.07 2.44
CA VAL A 250 19.52 -8.44 1.12
C VAL A 250 20.19 -7.10 1.27
N ALA A 251 19.92 -6.32 2.32
CA ALA A 251 20.60 -5.07 2.55
C ALA A 251 22.12 -5.23 2.63
N HIS A 252 22.66 -6.27 3.25
CA HIS A 252 24.10 -6.44 3.33
C HIS A 252 24.72 -6.79 1.99
N ILE A 253 24.05 -7.61 1.23
CA ILE A 253 24.48 -7.96 -0.12
C ILE A 253 24.47 -6.68 -0.88
N LEU A 254 23.46 -5.83 -0.75
CA LEU A 254 23.41 -4.61 -1.54
C LEU A 254 24.51 -3.65 -1.12
N GLN A 255 24.93 -3.64 0.13
CA GLN A 255 26.10 -2.87 0.53
C GLN A 255 27.36 -3.33 -0.23
N GLU A 256 27.50 -4.64 -0.42
CA GLU A 256 28.64 -5.21 -1.11
C GLU A 256 28.62 -4.85 -2.59
N VAL A 257 27.43 -4.78 -3.17
CA VAL A 257 27.24 -4.32 -4.54
C VAL A 257 27.65 -2.85 -4.66
N ALA A 258 27.32 -2.05 -3.66
CA ALA A 258 27.67 -0.65 -3.64
C ALA A 258 29.19 -0.58 -3.60
N ASP A 259 29.83 -1.25 -2.66
CA ASP A 259 31.27 -1.24 -2.58
C ASP A 259 31.96 -1.65 -3.86
N ALA A 260 31.48 -2.68 -4.51
CA ALA A 260 32.05 -3.06 -5.79
C ALA A 260 31.78 -2.14 -7.00
N TYR A 261 30.58 -1.56 -7.15
CA TYR A 261 30.19 -0.92 -8.40
C TYR A 261 29.76 0.50 -8.30
N ALA A 262 29.49 0.95 -7.10
CA ALA A 262 28.89 2.24 -7.02
C ALA A 262 29.97 3.26 -6.76
N MET B 5 -14.88 -16.60 22.44
CA MET B 5 -15.89 -15.84 23.18
C MET B 5 -16.89 -15.53 22.06
N VAL B 6 -17.46 -14.37 21.74
CA VAL B 6 -18.40 -14.22 20.65
C VAL B 6 -17.56 -13.85 19.45
N THR B 7 -17.70 -14.48 18.29
CA THR B 7 -17.00 -14.00 17.12
C THR B 7 -17.87 -12.95 16.45
N ALA B 8 -17.36 -12.03 15.62
CA ALA B 8 -18.23 -11.01 15.05
C ALA B 8 -17.70 -10.72 13.66
N HIS B 9 -18.40 -9.96 12.86
CA HIS B 9 -17.88 -9.53 11.61
C HIS B 9 -17.58 -8.04 11.80
N PHE B 10 -16.32 -7.64 11.69
CA PHE B 10 -15.93 -6.22 11.80
C PHE B 10 -15.70 -5.59 10.44
N VAL B 11 -16.08 -4.36 10.18
CA VAL B 11 -15.82 -3.68 8.93
C VAL B 11 -14.88 -2.59 9.37
N LEU B 12 -13.61 -2.54 8.96
CA LEU B 12 -12.62 -1.57 9.46
C LEU B 12 -12.58 -0.43 8.48
N ILE B 13 -12.65 0.84 8.92
CA ILE B 13 -12.72 1.97 7.99
C ILE B 13 -11.63 2.94 8.36
N HIS B 14 -10.70 3.02 7.40
CA HIS B 14 -9.57 3.92 7.39
C HIS B 14 -9.96 5.41 7.40
N THR B 15 -9.02 6.32 7.62
CA THR B 15 -9.32 7.75 7.59
C THR B 15 -8.94 8.35 6.25
N ILE B 16 -9.27 9.60 5.97
CA ILE B 16 -9.02 10.21 4.69
C ILE B 16 -7.53 10.16 4.39
N CYS B 17 -7.17 10.13 3.10
CA CYS B 17 -5.79 9.99 2.60
C CYS B 17 -5.22 8.58 2.78
N HIS B 18 -5.77 7.72 3.67
CA HIS B 18 -5.20 6.40 3.95
C HIS B 18 -5.95 5.35 3.17
N GLY B 19 -5.91 4.07 3.53
CA GLY B 19 -6.57 3.04 2.75
C GLY B 19 -6.79 1.84 3.66
N ALA B 20 -7.30 0.74 3.11
CA ALA B 20 -7.57 -0.44 3.94
C ALA B 20 -6.28 -0.91 4.58
N TRP B 21 -5.17 -0.67 3.89
CA TRP B 21 -3.80 -0.98 4.34
C TRP B 21 -3.45 -0.57 5.76
N ILE B 22 -3.98 0.47 6.43
CA ILE B 22 -3.49 0.75 7.80
C ILE B 22 -3.99 -0.39 8.64
N TRP B 23 -4.90 -1.25 8.19
CA TRP B 23 -5.44 -2.32 9.01
C TRP B 23 -4.76 -3.64 8.73
N HIS B 24 -3.58 -3.58 8.16
CA HIS B 24 -2.95 -4.82 7.81
C HIS B 24 -2.43 -5.56 9.02
N LYS B 25 -2.27 -4.95 10.17
CA LYS B 25 -1.79 -5.68 11.33
C LYS B 25 -3.02 -6.11 12.09
N LEU B 26 -4.01 -5.22 12.29
CA LEU B 26 -5.20 -5.56 13.05
C LEU B 26 -6.06 -6.58 12.33
N LYS B 27 -6.34 -6.55 11.02
CA LYS B 27 -7.12 -7.61 10.43
C LYS B 27 -6.61 -9.05 10.75
N PRO B 28 -5.36 -9.55 10.57
CA PRO B 28 -4.92 -10.86 11.04
C PRO B 28 -5.08 -11.12 12.52
N ALA B 29 -4.82 -10.12 13.37
CA ALA B 29 -4.98 -10.22 14.80
C ALA B 29 -6.39 -10.66 15.18
N LEU B 30 -7.38 -9.99 14.57
CA LEU B 30 -8.79 -10.27 14.80
C LEU B 30 -9.22 -11.61 14.25
N GLU B 31 -8.63 -11.99 13.13
CA GLU B 31 -8.92 -13.24 12.50
C GLU B 31 -8.29 -14.35 13.31
N ARG B 32 -7.21 -14.15 14.04
CA ARG B 32 -6.70 -15.22 14.88
C ARG B 32 -7.68 -15.51 16.04
N ALA B 33 -8.62 -14.61 16.35
CA ALA B 33 -9.62 -14.88 17.37
C ALA B 33 -10.93 -15.42 16.78
N GLY B 34 -10.93 -15.73 15.50
CA GLY B 34 -12.10 -16.23 14.81
C GLY B 34 -13.04 -15.16 14.29
N HIS B 35 -12.76 -13.83 14.31
CA HIS B 35 -13.69 -12.83 13.76
C HIS B 35 -13.72 -12.78 12.24
N LYS B 36 -14.74 -12.32 11.55
CA LYS B 36 -14.64 -12.15 10.12
C LYS B 36 -14.30 -10.69 10.00
N VAL B 37 -13.35 -10.31 9.16
CA VAL B 37 -12.96 -8.91 9.00
C VAL B 37 -13.13 -8.47 7.52
N THR B 38 -13.75 -7.31 7.23
CA THR B 38 -13.84 -6.68 5.93
C THR B 38 -13.08 -5.36 6.07
N ALA B 39 -12.04 -5.01 5.31
CA ALA B 39 -11.39 -3.71 5.43
C ALA B 39 -11.56 -3.06 4.08
N LEU B 40 -12.31 -1.97 3.99
CA LEU B 40 -12.65 -1.39 2.70
C LEU B 40 -11.83 -0.15 2.46
N ASP B 41 -11.66 0.19 1.20
CA ASP B 41 -11.07 1.42 0.75
C ASP B 41 -12.25 2.29 0.45
N MET B 42 -12.19 3.56 0.89
CA MET B 42 -13.30 4.46 0.69
C MET B 42 -12.99 5.06 -0.67
N ALA B 43 -13.82 5.94 -1.21
CA ALA B 43 -13.58 6.47 -2.52
C ALA B 43 -12.23 7.15 -2.56
N ALA B 44 -11.50 7.04 -3.67
CA ALA B 44 -10.22 7.67 -3.86
C ALA B 44 -9.23 7.44 -2.75
N SER B 45 -9.30 6.33 -2.06
CA SER B 45 -8.38 6.02 -0.99
C SER B 45 -7.72 4.65 -1.18
N GLY B 46 -6.54 4.31 -0.64
CA GLY B 46 -5.93 3.00 -0.83
C GLY B 46 -5.78 2.75 -2.32
N ILE B 47 -6.27 1.65 -2.88
CA ILE B 47 -6.20 1.43 -4.30
C ILE B 47 -7.53 1.62 -5.01
N ASP B 48 -8.49 2.39 -4.44
CA ASP B 48 -9.76 2.65 -5.10
C ASP B 48 -9.41 3.42 -6.38
N PRO B 49 -9.91 3.16 -7.60
CA PRO B 49 -9.47 3.80 -8.80
C PRO B 49 -9.92 5.23 -9.01
N ARG B 50 -10.81 5.77 -8.16
CA ARG B 50 -11.33 7.10 -8.33
C ARG B 50 -10.34 8.14 -7.82
N GLN B 51 -10.39 9.34 -8.36
CA GLN B 51 -9.56 10.42 -7.84
C GLN B 51 -10.38 11.33 -6.97
N ILE B 52 -9.78 12.05 -6.05
CA ILE B 52 -10.55 12.84 -5.11
C ILE B 52 -11.40 13.88 -5.79
N GLU B 53 -11.00 14.34 -6.97
CA GLU B 53 -11.76 15.37 -7.63
C GLU B 53 -13.05 14.87 -8.19
N GLN B 54 -13.34 13.58 -8.25
CA GLN B 54 -14.68 13.25 -8.65
C GLN B 54 -15.56 12.97 -7.46
N ILE B 55 -15.13 13.14 -6.22
CA ILE B 55 -15.95 12.84 -5.06
C ILE B 55 -16.51 14.16 -4.62
N ASN B 56 -17.83 14.32 -4.43
CA ASN B 56 -18.35 15.65 -4.13
C ASN B 56 -18.87 15.84 -2.74
N SER B 57 -18.84 14.81 -1.87
CA SER B 57 -19.24 14.99 -0.50
C SER B 57 -18.70 13.80 0.22
N PHE B 58 -18.74 13.94 1.54
CA PHE B 58 -18.32 12.87 2.45
C PHE B 58 -19.30 11.71 2.34
N ASP B 59 -20.57 11.92 2.05
CA ASP B 59 -21.47 10.81 1.83
C ASP B 59 -21.03 10.11 0.56
N GLU B 60 -20.57 10.75 -0.51
CA GLU B 60 -20.09 10.01 -1.67
C GLU B 60 -18.80 9.30 -1.36
N TYR B 61 -17.91 9.90 -0.58
CA TYR B 61 -16.68 9.25 -0.18
C TYR B 61 -16.98 7.95 0.56
N SER B 62 -18.10 7.85 1.31
CA SER B 62 -18.50 6.68 2.05
C SER B 62 -19.05 5.57 1.20
N GLU B 63 -19.12 5.76 -0.12
CA GLU B 63 -19.83 4.83 -0.95
C GLU B 63 -19.36 3.41 -0.77
N PRO B 64 -18.08 3.02 -0.76
CA PRO B 64 -17.68 1.64 -0.58
C PRO B 64 -18.31 1.02 0.65
N LEU B 65 -18.46 1.80 1.71
CA LEU B 65 -19.10 1.29 2.92
C LEU B 65 -20.60 1.14 2.74
N LEU B 66 -21.26 2.09 2.14
CA LEU B 66 -22.69 1.99 1.99
C LEU B 66 -23.11 0.87 1.03
N THR B 67 -22.31 0.57 -0.03
CA THR B 67 -22.59 -0.51 -0.96
C THR B 67 -22.42 -1.82 -0.23
N PHE B 68 -21.37 -1.99 0.56
CA PHE B 68 -21.15 -3.19 1.34
C PHE B 68 -22.36 -3.42 2.25
N LEU B 69 -22.72 -2.41 3.02
CA LEU B 69 -23.84 -2.53 3.91
C LEU B 69 -25.12 -2.77 3.12
N GLU B 70 -25.31 -2.15 1.98
CA GLU B 70 -26.45 -2.37 1.14
C GLU B 70 -26.54 -3.83 0.82
N LYS B 71 -25.40 -4.48 0.59
CA LYS B 71 -25.41 -5.88 0.22
C LYS B 71 -25.26 -6.84 1.39
N LEU B 72 -25.05 -6.48 2.64
CA LEU B 72 -24.97 -7.46 3.71
C LEU B 72 -26.23 -8.29 3.67
N PRO B 73 -26.13 -9.61 3.73
CA PRO B 73 -27.28 -10.47 3.82
C PRO B 73 -28.12 -10.12 5.02
N GLN B 74 -29.40 -10.26 4.69
CA GLN B 74 -30.44 -9.98 5.64
C GLN B 74 -30.22 -10.82 6.90
N GLY B 75 -30.28 -9.98 7.91
CA GLY B 75 -30.10 -10.45 9.26
C GLY B 75 -28.64 -10.45 9.69
N GLU B 76 -27.64 -10.17 8.89
CA GLU B 76 -26.27 -10.13 9.37
C GLU B 76 -26.08 -8.70 9.88
N LYS B 77 -25.27 -8.52 10.91
CA LYS B 77 -24.99 -7.22 11.51
C LYS B 77 -23.50 -7.15 11.70
N VAL B 78 -22.91 -5.96 11.56
CA VAL B 78 -21.48 -5.79 11.68
C VAL B 78 -21.09 -4.80 12.75
N ILE B 79 -19.83 -4.84 13.18
CA ILE B 79 -19.32 -3.84 14.08
C ILE B 79 -18.42 -2.98 13.20
N ILE B 80 -18.72 -1.69 12.99
CA ILE B 80 -17.91 -0.82 12.12
C ILE B 80 -16.87 -0.17 13.07
N VAL B 81 -15.56 -0.31 12.76
CA VAL B 81 -14.49 0.30 13.50
C VAL B 81 -13.91 1.39 12.60
N GLY B 82 -13.89 2.64 13.01
CA GLY B 82 -13.44 3.72 12.14
C GLY B 82 -12.35 4.48 12.84
N GLU B 83 -11.29 4.83 12.14
CA GLU B 83 -10.24 5.61 12.77
C GLU B 83 -10.26 7.05 12.29
N SER B 84 -9.89 7.97 13.21
CA SER B 84 -9.74 9.40 13.00
C SER B 84 -10.93 10.08 12.32
N ALA B 86 -12.91 8.72 10.30
CA ALA B 86 -13.93 7.76 9.91
C ALA B 86 -15.10 7.70 10.84
N GLY B 87 -15.14 8.41 11.97
CA GLY B 87 -16.31 8.48 12.80
C GLY B 87 -17.41 9.13 11.99
N LEU B 88 -17.11 9.96 11.00
CA LEU B 88 -18.15 10.52 10.13
C LEU B 88 -18.70 9.45 9.20
N ASN B 89 -17.90 8.48 8.77
CA ASN B 89 -18.37 7.41 7.90
C ASN B 89 -19.29 6.53 8.72
N ILE B 90 -18.99 6.23 10.00
CA ILE B 90 -19.91 5.47 10.85
C ILE B 90 -21.28 6.15 10.95
N ALA B 91 -21.29 7.45 11.21
CA ALA B 91 -22.51 8.22 11.35
C ALA B 91 -23.33 8.29 10.08
N ILE B 92 -22.71 8.46 8.90
CA ILE B 92 -23.40 8.45 7.62
C ILE B 92 -24.01 7.06 7.38
N ALA B 93 -23.24 6.01 7.70
CA ALA B 93 -23.66 4.65 7.43
C ALA B 93 -24.74 4.21 8.39
N ALA B 94 -24.67 4.63 9.65
CA ALA B 94 -25.63 4.27 10.68
C ALA B 94 -26.97 4.91 10.45
N ASP B 95 -27.04 6.10 9.85
CA ASP B 95 -28.29 6.66 9.48
C ASP B 95 -28.99 5.95 8.38
N ARG B 96 -28.26 5.28 7.50
CA ARG B 96 -28.86 4.59 6.40
C ARG B 96 -29.18 3.15 6.71
N TYR B 97 -28.35 2.48 7.51
CA TYR B 97 -28.42 1.05 7.81
C TYR B 97 -28.42 0.72 9.29
N VAL B 98 -29.08 1.49 10.16
CA VAL B 98 -28.97 1.23 11.59
C VAL B 98 -29.23 -0.22 12.05
N ASP B 99 -30.06 -0.89 11.31
CA ASP B 99 -30.34 -2.25 11.72
C ASP B 99 -29.34 -3.28 11.30
N LYS B 100 -28.30 -2.90 10.59
CA LYS B 100 -27.28 -3.80 10.16
C LYS B 100 -26.08 -3.59 11.05
N ILE B 101 -26.17 -2.66 11.98
CA ILE B 101 -25.03 -2.28 12.75
C ILE B 101 -25.13 -2.67 14.21
N ALA B 102 -24.30 -3.63 14.63
CA ALA B 102 -24.30 -4.07 16.01
C ALA B 102 -23.64 -3.02 16.92
N ALA B 103 -22.62 -2.26 16.49
CA ALA B 103 -22.03 -1.18 17.26
C ALA B 103 -21.04 -0.43 16.40
N GLY B 104 -20.81 0.85 16.68
CA GLY B 104 -19.79 1.61 15.98
C GLY B 104 -18.61 1.75 16.95
N VAL B 105 -17.35 1.58 16.54
CA VAL B 105 -16.20 1.76 17.42
C VAL B 105 -15.35 2.88 16.83
N PHE B 106 -14.98 3.86 17.66
CA PHE B 106 -14.29 5.08 17.27
C PHE B 106 -12.89 4.89 17.81
N HIS B 107 -11.89 4.76 16.93
CA HIS B 107 -10.50 4.51 17.27
C HIS B 107 -9.72 5.82 17.07
N ASN B 108 -9.39 6.61 18.10
CA ASN B 108 -8.81 7.96 17.94
C ASN B 108 -9.54 8.73 16.85
N SER B 109 -10.86 8.69 16.94
CA SER B 109 -11.77 9.19 15.95
C SER B 109 -12.67 10.29 16.43
N LEU B 110 -13.06 11.06 15.44
CA LEU B 110 -14.12 12.03 15.53
C LEU B 110 -15.35 11.26 16.01
N LEU B 111 -16.08 11.83 16.95
CA LEU B 111 -17.30 11.25 17.49
C LEU B 111 -18.39 12.31 17.16
N PRO B 112 -19.03 12.30 16.00
CA PRO B 112 -20.04 13.26 15.62
C PRO B 112 -21.25 13.17 16.55
N ASP B 113 -22.19 14.11 16.56
CA ASP B 113 -23.35 13.98 17.42
C ASP B 113 -24.63 14.29 16.66
N THR B 114 -25.77 14.37 17.37
CA THR B 114 -27.01 14.63 16.66
C THR B 114 -27.49 16.05 16.81
N VAL B 115 -26.99 16.81 17.81
CA VAL B 115 -27.46 18.20 18.00
C VAL B 115 -26.75 19.33 17.28
N HIS B 116 -25.55 19.06 16.79
CA HIS B 116 -24.80 20.08 16.14
C HIS B 116 -24.70 19.63 14.69
N SER B 117 -24.23 20.50 13.80
CA SER B 117 -23.97 20.20 12.38
C SER B 117 -23.10 18.92 12.23
N PRO B 118 -23.17 18.04 11.19
CA PRO B 118 -22.10 17.10 10.81
C PRO B 118 -20.65 17.62 10.87
N SER B 119 -20.31 18.86 10.50
CA SER B 119 -18.94 19.33 10.61
C SER B 119 -18.49 19.73 11.98
N TYR B 120 -19.34 19.67 13.00
CA TYR B 120 -19.02 20.21 14.28
C TYR B 120 -17.74 19.68 14.91
N THR B 121 -17.46 18.38 14.88
CA THR B 121 -16.25 17.90 15.48
C THR B 121 -15.06 18.19 14.59
N VAL B 122 -15.19 18.41 13.27
CA VAL B 122 -14.09 18.74 12.35
C VAL B 122 -13.63 20.11 12.79
N GLU B 123 -14.61 20.99 13.02
CA GLU B 123 -14.41 22.35 13.51
C GLU B 123 -13.68 22.34 14.84
N LYS B 124 -14.16 21.56 15.80
CA LYS B 124 -13.48 21.48 17.06
C LYS B 124 -12.10 20.88 16.95
N LEU B 125 -11.81 19.78 16.22
CA LEU B 125 -10.45 19.31 16.11
C LEU B 125 -9.54 20.38 15.50
N LEU B 126 -9.93 21.09 14.47
CA LEU B 126 -9.04 22.07 13.84
C LEU B 126 -8.71 23.26 14.74
N GLU B 127 -9.59 23.52 15.70
CA GLU B 127 -9.35 24.47 16.75
C GLU B 127 -8.29 23.89 17.70
N SER B 128 -8.35 22.59 18.04
CA SER B 128 -7.35 21.93 18.89
C SER B 128 -6.07 21.77 18.12
N PHE B 129 -6.10 21.59 16.81
CA PHE B 129 -4.90 21.27 16.10
C PHE B 129 -4.97 21.99 14.80
N PRO B 130 -4.62 23.28 14.80
CA PRO B 130 -4.78 24.13 13.65
C PRO B 130 -3.58 24.10 12.71
N ASP B 131 -2.46 23.60 13.15
CA ASP B 131 -1.34 23.62 12.27
C ASP B 131 -0.87 22.24 11.93
N TRP B 132 -1.18 21.94 10.68
CA TRP B 132 -0.89 20.62 10.15
C TRP B 132 0.44 20.61 9.44
N ARG B 133 1.29 21.57 9.84
CA ARG B 133 2.70 21.61 9.53
C ARG B 133 3.07 21.66 8.05
N ASP B 134 3.73 20.64 7.49
CA ASP B 134 3.99 20.49 6.06
C ASP B 134 2.86 19.95 5.18
N THR B 135 1.60 19.78 5.63
CA THR B 135 0.50 19.40 4.78
C THR B 135 0.29 20.42 3.70
N GLU B 136 -0.01 19.99 2.48
CA GLU B 136 -0.22 20.89 1.38
C GLU B 136 -1.69 20.79 1.08
N TYR B 137 -2.29 21.86 0.54
CA TYR B 137 -3.71 21.98 0.28
C TYR B 137 -3.95 22.29 -1.17
N PHE B 138 -5.11 21.92 -1.74
CA PHE B 138 -5.44 22.19 -3.15
C PHE B 138 -6.95 22.42 -3.15
N THR B 139 -7.57 22.86 -4.24
CA THR B 139 -9.00 22.94 -4.25
C THR B 139 -9.51 22.51 -5.60
N PHE B 140 -10.75 22.05 -5.69
CA PHE B 140 -11.38 21.86 -6.98
C PHE B 140 -12.80 22.33 -6.69
N THR B 141 -13.60 22.58 -7.72
CA THR B 141 -15.01 22.93 -7.58
C THR B 141 -15.78 21.60 -7.81
N ASN B 142 -16.75 21.23 -6.98
CA ASN B 142 -17.41 19.97 -7.13
C ASN B 142 -18.55 20.13 -8.12
N ILE B 143 -19.40 19.16 -8.39
CA ILE B 143 -20.31 19.28 -9.51
C ILE B 143 -21.41 20.25 -9.24
N THR B 144 -21.64 20.64 -8.01
CA THR B 144 -22.68 21.59 -7.75
C THR B 144 -22.04 22.95 -7.50
N GLY B 145 -20.74 23.13 -7.73
CA GLY B 145 -20.20 24.46 -7.63
C GLY B 145 -19.50 24.70 -6.35
N GLU B 146 -19.55 23.87 -5.34
CA GLU B 146 -18.75 24.16 -4.16
C GLU B 146 -17.26 23.96 -4.40
N THR B 147 -16.40 24.66 -3.69
CA THR B 147 -14.95 24.56 -3.80
C THR B 147 -14.58 23.59 -2.69
N ILE B 148 -14.03 22.43 -3.03
CA ILE B 148 -13.67 21.43 -2.03
C ILE B 148 -12.19 21.60 -1.82
N THR B 149 -11.74 21.51 -0.60
CA THR B 149 -10.32 21.62 -0.38
C THR B 149 -9.75 20.25 -0.19
N THR B 150 -8.71 19.89 -0.90
CA THR B 150 -8.06 18.63 -0.66
C THR B 150 -6.70 18.81 0.01
N MET B 151 -6.14 17.80 0.64
CA MET B 151 -4.84 17.95 1.25
C MET B 151 -4.00 16.77 0.88
N LYS B 152 -2.71 16.98 1.01
CA LYS B 152 -1.72 15.96 0.85
C LYS B 152 -1.03 16.08 2.20
N LEU B 153 -1.10 15.07 3.05
CA LEU B 153 -0.53 15.14 4.38
C LEU B 153 0.99 15.21 4.29
N GLY B 154 1.59 16.02 5.17
CA GLY B 154 3.02 16.20 5.11
C GLY B 154 3.70 15.07 5.84
N PHE B 155 4.89 14.70 5.40
CA PHE B 155 5.65 13.60 5.96
C PHE B 155 6.21 13.85 7.34
N VAL B 156 6.49 15.09 7.71
CA VAL B 156 6.84 15.39 9.10
C VAL B 156 5.56 15.23 9.91
N LEU B 157 4.39 15.69 9.41
CA LEU B 157 3.16 15.52 10.13
C LEU B 157 2.96 13.99 10.29
N LEU B 158 3.11 13.22 9.21
CA LEU B 158 3.03 11.75 9.24
C LEU B 158 4.02 11.19 10.25
N ARG B 159 5.30 11.57 10.22
CA ARG B 159 6.26 10.99 11.12
C ARG B 159 6.00 11.38 12.56
N GLU B 160 5.71 12.63 12.84
CA GLU B 160 5.65 13.05 14.21
C GLU B 160 4.28 13.01 14.82
N ASN B 161 3.21 13.29 14.05
CA ASN B 161 1.87 13.42 14.61
C ASN B 161 0.97 12.23 14.53
N LEU B 162 0.94 11.57 13.39
CA LEU B 162 0.08 10.41 13.23
C LEU B 162 0.74 9.11 13.57
N PHE B 163 1.91 8.84 12.97
CA PHE B 163 2.71 7.63 13.08
C PHE B 163 3.85 7.74 14.07
N THR B 164 3.64 8.53 15.12
CA THR B 164 4.63 8.88 16.11
C THR B 164 5.54 7.80 16.62
N LYS B 165 4.92 6.73 17.04
CA LYS B 165 5.60 5.63 17.67
C LYS B 165 5.66 4.40 16.77
N CYS B 166 5.37 4.62 15.49
CA CYS B 166 5.31 3.53 14.53
C CYS B 166 6.71 3.18 14.08
N THR B 167 6.81 1.90 13.82
CA THR B 167 7.95 1.32 13.18
C THR B 167 8.35 2.09 11.92
N ASP B 168 9.63 2.03 11.62
CA ASP B 168 10.17 2.55 10.41
C ASP B 168 9.60 1.94 9.16
N GLY B 169 9.34 0.63 9.16
CA GLY B 169 8.69 -0.03 8.02
C GLY B 169 7.23 0.38 7.88
N GLU B 170 6.58 0.73 9.00
CA GLU B 170 5.21 1.21 8.93
C GLU B 170 5.14 2.63 8.40
N TYR B 171 6.02 3.49 8.91
CA TYR B 171 6.09 4.84 8.45
C TYR B 171 6.43 4.86 6.97
N GLU B 172 7.41 4.10 6.57
CA GLU B 172 7.74 4.03 5.19
C GLU B 172 6.59 3.50 4.37
N LEU B 173 5.84 2.49 4.83
CA LEU B 173 4.67 2.01 4.09
C LEU B 173 3.73 3.19 3.81
N ALA B 174 3.40 3.91 4.88
CA ALA B 174 2.54 5.10 4.82
C ALA B 174 2.91 6.12 3.76
N LYS B 175 4.16 6.55 3.71
CA LYS B 175 4.62 7.46 2.69
C LYS B 175 4.46 6.80 1.34
N MET B 176 4.63 5.50 1.15
CA MET B 176 4.50 4.85 -0.15
C MET B 176 3.09 4.73 -0.68
N VAL B 177 2.04 4.78 0.15
CA VAL B 177 0.72 4.60 -0.43
C VAL B 177 -0.30 5.68 -0.11
N MET B 178 0.10 6.69 0.66
CA MET B 178 -0.78 7.77 1.05
C MET B 178 -1.17 8.60 -0.16
N ARG B 179 -2.44 9.03 -0.19
CA ARG B 179 -3.09 9.70 -1.31
C ARG B 179 -3.77 10.93 -0.76
N LYS B 180 -4.32 11.74 -1.66
CA LYS B 180 -4.96 12.97 -1.24
C LYS B 180 -6.29 12.65 -0.61
N GLY B 181 -6.78 13.55 0.21
CA GLY B 181 -8.09 13.35 0.79
C GLY B 181 -8.75 14.67 1.03
N SER B 182 -9.93 14.72 1.61
CA SER B 182 -10.63 15.96 1.86
C SER B 182 -11.54 15.68 3.01
N LEU B 183 -11.79 16.70 3.81
CA LEU B 183 -12.77 16.65 4.89
C LEU B 183 -14.16 17.01 4.40
N PHE B 184 -14.30 17.59 3.20
CA PHE B 184 -15.57 18.10 2.66
C PHE B 184 -16.29 18.90 3.74
N GLN B 185 -15.52 19.69 4.51
CA GLN B 185 -16.00 20.34 5.75
C GLN B 185 -17.16 21.27 5.49
N ASN B 186 -17.03 22.14 4.50
CA ASN B 186 -18.10 23.01 4.12
C ASN B 186 -19.35 22.34 3.63
N VAL B 187 -19.26 21.13 3.07
CA VAL B 187 -20.42 20.40 2.58
C VAL B 187 -21.07 19.74 3.80
N LEU B 188 -20.24 19.22 4.70
CA LEU B 188 -20.68 18.69 5.98
C LEU B 188 -21.39 19.80 6.75
N ALA B 189 -20.89 21.02 6.79
CA ALA B 189 -21.55 22.14 7.42
C ALA B 189 -22.93 22.42 6.87
N GLN B 190 -23.13 22.15 5.58
CA GLN B 190 -24.45 22.25 4.99
C GLN B 190 -25.25 20.99 5.17
N ARG B 191 -24.67 19.87 5.58
CA ARG B 191 -25.41 18.60 5.63
C ARG B 191 -26.40 18.53 6.81
N PRO B 192 -27.57 17.90 6.62
CA PRO B 192 -28.53 17.60 7.65
C PRO B 192 -27.90 16.91 8.81
N LYS B 193 -28.26 17.23 10.04
CA LYS B 193 -27.69 16.56 11.18
C LYS B 193 -27.97 15.06 11.20
N PHE B 194 -27.11 14.32 11.90
CA PHE B 194 -27.27 12.89 11.98
C PHE B 194 -28.53 12.62 12.80
N THR B 195 -29.35 11.64 12.44
CA THR B 195 -30.65 11.38 13.05
C THR B 195 -30.54 10.65 14.35
N GLU B 196 -31.54 10.75 15.22
CA GLU B 196 -31.51 9.99 16.45
C GLU B 196 -31.90 8.57 16.18
N LYS B 197 -32.78 8.36 15.21
CA LYS B 197 -33.23 6.99 15.00
C LYS B 197 -32.11 6.18 14.39
N GLY B 198 -31.17 6.78 13.66
CA GLY B 198 -30.13 6.03 13.00
C GLY B 198 -28.89 6.16 13.85
N TYR B 199 -28.13 7.23 13.60
CA TYR B 199 -26.82 7.31 14.21
C TYR B 199 -26.99 7.40 15.71
N GLY B 200 -27.95 8.15 16.20
CA GLY B 200 -28.17 8.29 17.64
C GLY B 200 -28.44 6.97 18.35
N SER B 201 -29.04 5.95 17.70
CA SER B 201 -29.38 4.64 18.24
C SER B 201 -28.27 3.68 18.55
N ILE B 202 -27.32 3.65 17.62
CA ILE B 202 -26.16 2.76 17.58
C ILE B 202 -25.43 2.65 18.92
N LYS B 203 -25.02 1.46 19.32
CA LYS B 203 -24.15 1.42 20.47
C LYS B 203 -22.76 1.98 20.09
N LYS B 204 -22.01 2.68 20.95
CA LYS B 204 -20.81 3.39 20.59
C LYS B 204 -19.68 3.13 21.57
N VAL B 205 -18.50 2.71 21.14
CA VAL B 205 -17.35 2.43 21.99
C VAL B 205 -16.23 3.33 21.49
N TYR B 206 -15.56 4.04 22.39
CA TYR B 206 -14.56 5.01 22.02
C TYR B 206 -13.24 4.51 22.53
N ILE B 207 -12.22 4.38 21.69
CA ILE B 207 -10.89 3.88 22.05
C ILE B 207 -9.92 5.03 21.79
N TRP B 208 -9.02 5.35 22.70
CA TRP B 208 -8.06 6.39 22.43
C TRP B 208 -6.83 6.14 23.26
N THR B 209 -5.82 6.96 23.03
CA THR B 209 -4.65 6.99 23.88
C THR B 209 -4.42 8.49 24.04
N ASP B 210 -4.01 8.79 25.24
CA ASP B 210 -3.63 10.14 25.62
C ASP B 210 -2.27 10.52 25.03
N GLN B 211 -1.61 9.57 24.39
CA GLN B 211 -0.36 9.82 23.70
C GLN B 211 -0.59 10.07 22.20
N ASP B 212 -1.82 10.30 21.77
CA ASP B 212 -2.07 10.71 20.41
C ASP B 212 -1.51 12.14 20.23
N LYS B 213 -0.76 12.31 19.15
CA LYS B 213 -0.12 13.59 18.86
C LYS B 213 -0.81 14.46 17.85
N ILE B 214 -2.04 14.13 17.48
CA ILE B 214 -2.84 15.01 16.63
C ILE B 214 -4.28 15.09 17.14
N PHE B 215 -4.98 14.03 17.63
CA PHE B 215 -6.30 14.14 18.27
C PHE B 215 -5.88 14.18 19.73
N LEU B 216 -5.62 15.40 20.21
CA LEU B 216 -4.93 15.56 21.48
C LEU B 216 -5.83 15.30 22.69
N PRO B 217 -5.32 15.04 23.93
CA PRO B 217 -6.07 14.50 25.07
C PRO B 217 -7.28 15.30 25.43
N ASP B 218 -7.13 16.61 25.45
CA ASP B 218 -8.26 17.49 25.76
C ASP B 218 -9.29 17.58 24.68
N PHE B 219 -8.96 17.39 23.39
CA PHE B 219 -9.99 17.33 22.37
C PHE B 219 -10.74 15.99 22.50
N GLN B 220 -10.03 14.90 22.74
CA GLN B 220 -10.66 13.62 22.85
C GLN B 220 -11.52 13.67 24.07
N ARG B 221 -11.05 14.15 25.21
CA ARG B 221 -11.89 14.25 26.39
C ARG B 221 -13.08 15.17 26.18
N TRP B 222 -12.93 16.27 25.45
CA TRP B 222 -14.05 17.11 25.06
C TRP B 222 -15.10 16.29 24.32
N GLN B 223 -14.69 15.48 23.35
CA GLN B 223 -15.65 14.73 22.54
C GLN B 223 -16.44 13.80 23.39
N ILE B 224 -15.78 13.14 24.32
CA ILE B 224 -16.42 12.18 25.21
C ILE B 224 -17.41 12.94 26.09
N ALA B 225 -17.06 14.13 26.50
CA ALA B 225 -17.98 14.89 27.31
C ALA B 225 -19.08 15.47 26.45
N ASN B 226 -18.87 15.67 25.15
CA ASN B 226 -19.88 16.25 24.30
C ASN B 226 -20.91 15.20 23.93
N TYR B 227 -20.55 13.92 23.86
CA TYR B 227 -21.50 12.93 23.41
C TYR B 227 -20.98 11.66 24.05
N LYS B 228 -21.42 11.40 25.27
CA LYS B 228 -20.88 10.30 26.03
C LYS B 228 -21.20 9.02 25.27
N PRO B 229 -20.18 8.22 24.89
CA PRO B 229 -20.41 6.89 24.30
C PRO B 229 -20.79 5.87 25.37
N ASP B 230 -21.11 4.66 24.97
CA ASP B 230 -21.50 3.62 25.91
C ASP B 230 -20.34 3.10 26.77
N LYS B 231 -19.17 3.03 26.12
CA LYS B 231 -17.95 2.51 26.73
C LYS B 231 -16.77 3.30 26.18
N VAL B 232 -15.75 3.60 26.97
CA VAL B 232 -14.50 4.29 26.59
C VAL B 232 -13.43 3.40 27.14
N TYR B 233 -12.57 3.03 26.18
CA TYR B 233 -11.41 2.23 26.50
C TYR B 233 -10.20 3.10 26.28
N GLN B 234 -9.35 3.32 27.26
CA GLN B 234 -8.17 4.12 27.06
C GLN B 234 -6.97 3.19 27.09
N VAL B 235 -6.19 3.16 25.99
CA VAL B 235 -5.03 2.31 25.85
C VAL B 235 -3.87 3.13 26.37
N GLN B 236 -2.94 2.55 27.11
CA GLN B 236 -1.77 3.32 27.51
C GLN B 236 -0.69 3.22 26.42
N GLY B 237 -0.11 4.38 26.10
CA GLY B 237 1.05 4.42 25.24
C GLY B 237 0.64 4.44 23.79
N GLY B 238 1.39 3.91 22.83
CA GLY B 238 0.98 3.96 21.44
C GLY B 238 1.09 5.36 20.92
N ASP B 239 0.32 5.64 19.90
CA ASP B 239 0.34 6.93 19.26
C ASP B 239 -1.01 7.02 18.59
N HIS B 240 -1.23 7.92 17.64
CA HIS B 240 -2.51 8.01 16.98
C HIS B 240 -2.89 6.71 16.30
N LYS B 241 -1.97 5.93 15.75
CA LYS B 241 -2.28 4.69 15.07
C LYS B 241 -2.17 3.49 15.98
N LEU B 242 -3.09 3.38 16.92
CA LEU B 242 -3.12 2.24 17.84
C LEU B 242 -3.26 0.94 17.08
N GLN B 243 -3.85 0.89 15.90
CA GLN B 243 -3.95 -0.38 15.22
C GLN B 243 -2.60 -0.85 14.74
N LEU B 244 -1.56 -0.02 14.80
CA LEU B 244 -0.22 -0.41 14.43
C LEU B 244 0.65 -0.46 15.68
N THR B 245 0.64 0.53 16.56
CA THR B 245 1.43 0.45 17.79
C THR B 245 0.82 -0.35 18.95
N LYS B 246 -0.49 -0.65 18.99
CA LYS B 246 -1.08 -1.37 20.08
C LYS B 246 -2.04 -2.35 19.48
N THR B 247 -1.66 -3.03 18.41
CA THR B 247 -2.58 -3.89 17.68
C THR B 247 -3.29 -4.89 18.54
N GLU B 248 -2.56 -5.57 19.43
CA GLU B 248 -3.22 -6.59 20.19
C GLU B 248 -4.16 -6.04 21.24
N GLU B 249 -3.82 -4.86 21.75
CA GLU B 249 -4.67 -4.18 22.71
C GLU B 249 -5.99 -3.87 22.03
N VAL B 250 -5.97 -3.43 20.77
CA VAL B 250 -7.19 -3.07 20.10
C VAL B 250 -7.93 -4.34 19.79
N ALA B 251 -7.20 -5.40 19.45
CA ALA B 251 -7.84 -6.67 19.11
C ALA B 251 -8.60 -7.22 20.31
N HIS B 252 -8.06 -6.94 21.49
CA HIS B 252 -8.70 -7.35 22.72
C HIS B 252 -9.92 -6.52 23.07
N ILE B 253 -9.84 -5.22 22.86
CA ILE B 253 -10.96 -4.39 23.11
C ILE B 253 -12.04 -4.78 22.11
N LEU B 254 -11.67 -5.06 20.88
CA LEU B 254 -12.66 -5.39 19.88
C LEU B 254 -13.37 -6.71 20.22
N GLN B 255 -12.68 -7.58 20.97
CA GLN B 255 -13.28 -8.80 21.45
C GLN B 255 -14.34 -8.49 22.46
N GLU B 256 -14.10 -7.50 23.33
CA GLU B 256 -15.07 -7.12 24.36
C GLU B 256 -16.33 -6.54 23.77
N VAL B 257 -16.17 -5.76 22.70
CA VAL B 257 -17.28 -5.21 21.91
C VAL B 257 -18.05 -6.36 21.19
N ALA B 258 -17.43 -7.37 20.56
CA ALA B 258 -18.13 -8.53 19.98
C ALA B 258 -18.92 -9.24 21.08
N ASP B 259 -18.29 -9.50 22.23
CA ASP B 259 -18.94 -10.15 23.34
C ASP B 259 -20.19 -9.45 23.80
N ALA B 260 -20.00 -8.15 23.92
CA ALA B 260 -21.04 -7.31 24.39
C ALA B 260 -22.11 -7.01 23.34
N TYR B 261 -21.85 -6.92 22.02
CA TYR B 261 -22.88 -6.47 21.10
C TYR B 261 -23.14 -7.47 19.98
N ALA B 262 -22.53 -8.64 20.16
CA ALA B 262 -22.62 -9.85 19.35
C ALA B 262 -22.16 -9.60 17.93
#